data_3MCI
#
_entry.id   3MCI
#
_cell.length_a   39.409
_cell.length_b   113.159
_cell.length_c   55.980
_cell.angle_alpha   90.00
_cell.angle_beta   93.39
_cell.angle_gamma   90.00
#
_symmetry.space_group_name_H-M   'P 1 21 1'
#
loop_
_entity.id
_entity.type
_entity.pdbx_description
1 polymer 'Molybdenum cofactor biosynthesis MOG'
2 non-polymer 1,2-ETHANEDIOL
3 non-polymer DI(HYDROXYETHYL)ETHER
4 water water
#
_entity_poly.entity_id   1
_entity_poly.type   'polypeptide(L)'
_entity_poly.pdbx_seq_one_letter_code
;MSEKKAVIGVVTISDRASKGIYEDISGKAIIDYLKDVIITPFEVEYRVIPDERDLIEKTLIELADEKGCSLILTTGGTGP
APRDVTPEATEAVCEKMLPGFGELMRQVSLKQVPTAILSRQTAGIRGSCLIVNLPGKPQSIKVCLDAVMPAIPYCIDLIG
GAYIDTDPNKVKAFRPKK
;
_entity_poly.pdbx_strand_id   A,B,C
#
loop_
_chem_comp.id
_chem_comp.type
_chem_comp.name
_chem_comp.formula
EDO non-polymer 1,2-ETHANEDIOL 'C2 H6 O2'
PEG non-polymer DI(HYDROXYETHYL)ETHER 'C4 H10 O3'
#
# COMPACT_ATOMS: atom_id res chain seq x y z
N SER A 2 17.67 -14.89 21.88
CA SER A 2 16.61 -14.44 22.82
C SER A 2 16.25 -15.54 23.82
N GLU A 3 16.14 -15.15 25.09
CA GLU A 3 15.79 -16.10 26.15
C GLU A 3 14.27 -16.12 26.31
N LYS A 4 13.60 -15.28 25.54
CA LYS A 4 12.15 -15.18 25.56
C LYS A 4 11.54 -16.51 25.19
N LYS A 5 10.44 -16.87 25.84
CA LYS A 5 9.76 -18.12 25.54
C LYS A 5 8.86 -17.79 24.34
N ALA A 6 8.92 -18.61 23.29
CA ALA A 6 8.12 -18.37 22.10
C ALA A 6 6.66 -18.79 22.25
N VAL A 7 5.77 -17.81 22.23
CA VAL A 7 4.34 -18.06 22.33
C VAL A 7 3.70 -17.45 21.10
N ILE A 8 2.96 -18.27 20.35
CA ILE A 8 2.30 -17.82 19.13
C ILE A 8 0.78 -17.85 19.30
N GLY A 9 0.14 -16.70 19.05
CA GLY A 9 -1.29 -16.62 19.17
C GLY A 9 -1.97 -16.92 17.85
N VAL A 10 -3.09 -17.62 17.90
CA VAL A 10 -3.84 -17.94 16.70
C VAL A 10 -5.27 -17.55 17.03
N VAL A 11 -5.74 -16.48 16.41
CA VAL A 11 -7.07 -15.98 16.66
C VAL A 11 -8.01 -16.12 15.48
N THR A 12 -9.08 -16.89 15.68
CA THR A 12 -10.07 -17.10 14.64
C THR A 12 -11.21 -16.13 14.93
N ILE A 13 -11.46 -15.25 13.96
CA ILE A 13 -12.52 -14.26 14.08
C ILE A 13 -13.65 -14.71 13.17
N SER A 14 -14.61 -15.44 13.76
CA SER A 14 -15.73 -15.97 13.01
C SER A 14 -16.95 -16.13 13.89
N ASP A 15 -18.04 -15.46 13.51
CA ASP A 15 -19.26 -15.53 14.28
C ASP A 15 -19.74 -16.98 14.35
N ARG A 16 -19.78 -17.64 13.20
CA ARG A 16 -20.23 -19.04 13.13
C ARG A 16 -19.31 -20.02 13.85
N ALA A 17 -18.00 -19.81 13.75
CA ALA A 17 -17.06 -20.70 14.42
C ALA A 17 -17.22 -20.57 15.92
N SER A 18 -17.34 -19.33 16.38
CA SER A 18 -17.49 -19.06 17.81
C SER A 18 -18.78 -19.60 18.40
N LYS A 19 -19.80 -19.75 17.56
CA LYS A 19 -21.10 -20.26 18.01
C LYS A 19 -21.26 -21.77 17.85
N GLY A 20 -20.30 -22.41 17.21
CA GLY A 20 -20.37 -23.85 17.02
C GLY A 20 -21.20 -24.26 15.84
N ILE A 21 -21.19 -23.43 14.80
CA ILE A 21 -21.94 -23.70 13.58
C ILE A 21 -21.03 -24.36 12.56
N TYR A 22 -19.78 -23.92 12.51
CA TYR A 22 -18.78 -24.48 11.61
C TYR A 22 -17.59 -24.97 12.41
N GLU A 23 -16.89 -25.97 11.89
CA GLU A 23 -15.70 -26.47 12.56
C GLU A 23 -14.64 -25.45 12.14
N ASP A 24 -13.74 -25.09 13.06
CA ASP A 24 -12.72 -24.11 12.71
C ASP A 24 -11.54 -24.75 11.99
N ILE A 25 -11.73 -25.05 10.72
CA ILE A 25 -10.67 -25.66 9.94
C ILE A 25 -9.57 -24.65 9.63
N SER A 26 -9.89 -23.36 9.73
CA SER A 26 -8.92 -22.30 9.47
C SER A 26 -7.89 -22.27 10.58
N GLY A 27 -8.36 -22.13 11.82
CA GLY A 27 -7.46 -22.11 12.95
C GLY A 27 -6.64 -23.39 13.00
N LYS A 28 -7.30 -24.51 12.74
CA LYS A 28 -6.62 -25.81 12.75
C LYS A 28 -5.51 -25.85 11.68
N ALA A 29 -5.79 -25.25 10.53
CA ALA A 29 -4.83 -25.21 9.44
C ALA A 29 -3.59 -24.41 9.83
N ILE A 30 -3.80 -23.30 10.54
CA ILE A 30 -2.70 -22.46 10.97
C ILE A 30 -1.84 -23.18 12.01
N ILE A 31 -2.48 -23.82 12.97
CA ILE A 31 -1.75 -24.54 14.00
C ILE A 31 -0.95 -25.70 13.40
N ASP A 32 -1.58 -26.45 12.49
CA ASP A 32 -0.89 -27.56 11.85
C ASP A 32 0.30 -27.07 11.04
N TYR A 33 0.15 -25.91 10.40
CA TYR A 33 1.23 -25.33 9.60
C TYR A 33 2.40 -24.98 10.53
N LEU A 34 2.09 -24.30 11.64
CA LEU A 34 3.11 -23.90 12.60
C LEU A 34 3.89 -25.12 13.11
N LYS A 35 3.18 -26.15 13.52
CA LYS A 35 3.83 -27.36 14.01
C LYS A 35 4.62 -28.06 12.92
N ASP A 36 4.16 -27.92 11.67
CA ASP A 36 4.85 -28.56 10.57
C ASP A 36 6.17 -27.93 10.18
N VAL A 37 6.26 -26.60 10.25
CA VAL A 37 7.48 -25.92 9.83
C VAL A 37 8.43 -25.36 10.89
N ILE A 38 7.95 -25.14 12.11
CA ILE A 38 8.82 -24.57 13.14
C ILE A 38 9.72 -25.63 13.79
N ILE A 39 11.02 -25.35 13.86
CA ILE A 39 11.97 -26.28 14.44
C ILE A 39 12.52 -25.81 15.78
N THR A 40 11.75 -25.00 16.48
CA THR A 40 12.12 -24.50 17.80
C THR A 40 10.91 -24.64 18.71
N PRO A 41 11.13 -24.70 20.03
CA PRO A 41 10.04 -24.85 21.00
C PRO A 41 9.12 -23.63 21.08
N PHE A 42 7.81 -23.87 21.08
CA PHE A 42 6.85 -22.78 21.16
C PHE A 42 5.50 -23.24 21.70
N GLU A 43 4.79 -22.32 22.32
CA GLU A 43 3.46 -22.59 22.87
C GLU A 43 2.46 -21.86 21.99
N VAL A 44 1.22 -22.33 22.00
CA VAL A 44 0.18 -21.71 21.20
C VAL A 44 -0.95 -21.19 22.07
N GLU A 45 -1.36 -19.96 21.82
CA GLU A 45 -2.48 -19.35 22.52
C GLU A 45 -3.58 -19.29 21.47
N TYR A 46 -4.52 -20.23 21.56
CA TYR A 46 -5.60 -20.33 20.60
C TYR A 46 -6.88 -19.68 21.11
N ARG A 47 -7.49 -18.85 20.27
CA ARG A 47 -8.73 -18.17 20.62
C ARG A 47 -9.68 -18.12 19.45
N VAL A 48 -10.96 -18.37 19.73
CA VAL A 48 -12.00 -18.30 18.70
C VAL A 48 -13.01 -17.28 19.22
N ILE A 49 -13.23 -16.22 18.44
CA ILE A 49 -14.16 -15.18 18.86
C ILE A 49 -15.08 -14.69 17.75
N PRO A 50 -16.22 -14.09 18.12
CA PRO A 50 -17.16 -13.58 17.13
C PRO A 50 -16.57 -12.30 16.57
N ASP A 51 -17.06 -11.82 15.44
CA ASP A 51 -16.52 -10.60 14.85
C ASP A 51 -17.07 -9.33 15.47
N GLU A 52 -16.65 -9.06 16.70
CA GLU A 52 -17.03 -7.88 17.45
C GLU A 52 -15.75 -7.07 17.58
N ARG A 53 -15.70 -5.92 16.93
CA ARG A 53 -14.49 -5.10 16.96
C ARG A 53 -13.83 -4.95 18.32
N ASP A 54 -14.60 -4.61 19.35
CA ASP A 54 -14.00 -4.43 20.67
C ASP A 54 -13.34 -5.69 21.19
N LEU A 55 -14.00 -6.83 21.02
CA LEU A 55 -13.46 -8.10 21.48
C LEU A 55 -12.19 -8.47 20.70
N ILE A 56 -12.17 -8.16 19.41
CA ILE A 56 -10.99 -8.45 18.60
C ILE A 56 -9.80 -7.69 19.16
N GLU A 57 -10.01 -6.39 19.42
CA GLU A 57 -8.94 -5.55 19.97
C GLU A 57 -8.52 -6.03 21.36
N LYS A 58 -9.49 -6.40 22.18
CA LYS A 58 -9.20 -6.86 23.53
C LYS A 58 -8.42 -8.17 23.52
N THR A 59 -8.74 -9.04 22.58
CA THR A 59 -8.07 -10.32 22.47
C THR A 59 -6.62 -10.16 22.01
N LEU A 60 -6.42 -9.36 20.97
CA LEU A 60 -5.06 -9.12 20.46
C LEU A 60 -4.19 -8.52 21.55
N ILE A 61 -4.74 -7.55 22.26
CA ILE A 61 -4.01 -6.89 23.35
C ILE A 61 -3.68 -7.86 24.47
N GLU A 62 -4.62 -8.74 24.80
CA GLU A 62 -4.38 -9.72 25.86
C GLU A 62 -3.27 -10.68 25.48
N LEU A 63 -3.35 -11.24 24.28
CA LEU A 63 -2.35 -12.19 23.83
C LEU A 63 -0.96 -11.58 23.74
N ALA A 64 -0.89 -10.31 23.35
CA ALA A 64 0.40 -9.62 23.24
C ALA A 64 0.93 -9.17 24.61
N ASP A 65 0.11 -8.38 25.31
CA ASP A 65 0.48 -7.82 26.61
C ASP A 65 0.53 -8.77 27.81
N GLU A 66 -0.37 -9.74 27.86
CA GLU A 66 -0.43 -10.65 28.99
C GLU A 66 0.12 -12.06 28.75
N LYS A 67 -0.16 -12.63 27.59
CA LYS A 67 0.32 -13.96 27.26
C LYS A 67 1.74 -13.93 26.71
N GLY A 68 2.23 -12.74 26.39
CA GLY A 68 3.58 -12.59 25.88
C GLY A 68 3.83 -13.16 24.50
N CYS A 69 2.82 -13.12 23.63
CA CYS A 69 2.99 -13.63 22.27
C CYS A 69 3.99 -12.79 21.50
N SER A 70 4.77 -13.44 20.65
CA SER A 70 5.74 -12.74 19.82
C SER A 70 5.17 -12.67 18.42
N LEU A 71 4.18 -13.52 18.15
CA LEU A 71 3.51 -13.59 16.87
C LEU A 71 2.04 -13.92 17.10
N ILE A 72 1.15 -13.23 16.37
CA ILE A 72 -0.27 -13.49 16.46
C ILE A 72 -0.78 -13.56 15.03
N LEU A 73 -1.40 -14.69 14.69
CA LEU A 73 -1.93 -14.89 13.36
C LEU A 73 -3.45 -14.95 13.45
N THR A 74 -4.12 -14.06 12.74
CA THR A 74 -5.56 -14.03 12.78
C THR A 74 -6.11 -14.62 11.49
N THR A 75 -7.33 -15.10 11.54
CA THR A 75 -7.97 -15.63 10.34
C THR A 75 -9.42 -15.18 10.38
N GLY A 76 -9.86 -14.58 9.27
CA GLY A 76 -11.23 -14.12 9.18
C GLY A 76 -11.46 -12.62 9.35
N GLY A 77 -12.57 -12.16 8.79
CA GLY A 77 -12.96 -10.75 8.89
C GLY A 77 -12.14 -9.73 8.14
N THR A 78 -11.63 -10.07 6.96
CA THR A 78 -10.79 -9.15 6.20
C THR A 78 -11.31 -8.75 4.82
N GLY A 79 -12.60 -8.97 4.58
CA GLY A 79 -13.19 -8.62 3.30
C GLY A 79 -13.82 -7.23 3.29
N PRO A 80 -14.57 -6.88 2.24
CA PRO A 80 -15.21 -5.56 2.12
C PRO A 80 -16.52 -5.36 2.89
N ALA A 81 -17.15 -6.43 3.32
CA ALA A 81 -18.43 -6.32 4.06
C ALA A 81 -18.20 -5.51 5.32
N PRO A 82 -19.20 -4.70 5.72
CA PRO A 82 -19.10 -3.86 6.93
C PRO A 82 -18.75 -4.56 8.23
N ARG A 83 -19.12 -5.84 8.36
CA ARG A 83 -18.82 -6.57 9.58
C ARG A 83 -17.37 -7.00 9.69
N ASP A 84 -16.67 -7.08 8.56
CA ASP A 84 -15.27 -7.48 8.54
C ASP A 84 -14.38 -6.34 9.04
N VAL A 85 -14.09 -6.35 10.33
CA VAL A 85 -13.27 -5.28 10.92
C VAL A 85 -11.97 -5.74 11.55
N THR A 86 -11.46 -6.89 11.11
CA THR A 86 -10.21 -7.40 11.65
C THR A 86 -9.05 -6.43 11.34
N PRO A 87 -8.97 -5.90 10.10
CA PRO A 87 -7.88 -4.97 9.81
C PRO A 87 -7.97 -3.73 10.70
N GLU A 88 -9.18 -3.21 10.86
CA GLU A 88 -9.41 -2.03 11.69
C GLU A 88 -8.95 -2.28 13.12
N ALA A 89 -9.33 -3.44 13.67
CA ALA A 89 -8.95 -3.78 15.02
C ALA A 89 -7.43 -3.94 15.10
N THR A 90 -6.84 -4.53 14.08
CA THR A 90 -5.40 -4.73 14.06
C THR A 90 -4.64 -3.41 14.04
N GLU A 91 -5.09 -2.47 13.20
CA GLU A 91 -4.41 -1.17 13.14
C GLU A 91 -4.59 -0.43 14.45
N ALA A 92 -5.74 -0.62 15.09
CA ALA A 92 -6.03 0.06 16.35
C ALA A 92 -5.07 -0.33 17.48
N VAL A 93 -4.69 -1.61 17.52
CA VAL A 93 -3.80 -2.08 18.59
C VAL A 93 -2.31 -2.03 18.27
N CYS A 94 -1.96 -1.80 17.00
CA CYS A 94 -0.56 -1.74 16.62
C CYS A 94 0.01 -0.33 16.64
N GLU A 95 1.32 -0.23 16.81
CA GLU A 95 1.97 1.08 16.85
C GLU A 95 2.72 1.38 15.56
N LYS A 96 2.91 0.34 14.75
CA LYS A 96 3.67 0.48 13.51
C LYS A 96 3.14 -0.57 12.53
N MET A 97 2.71 -0.14 11.34
CA MET A 97 2.19 -1.09 10.36
C MET A 97 3.26 -1.49 9.36
N LEU A 98 3.06 -2.66 8.72
CA LEU A 98 3.98 -3.18 7.73
C LEU A 98 3.23 -3.41 6.43
N PRO A 99 3.19 -2.39 5.55
CA PRO A 99 2.48 -2.49 4.27
C PRO A 99 2.94 -3.64 3.35
N GLY A 100 4.19 -4.03 3.46
CA GLY A 100 4.70 -5.12 2.62
C GLY A 100 3.95 -6.43 2.77
N PHE A 101 3.43 -6.71 3.96
CA PHE A 101 2.69 -7.95 4.19
C PHE A 101 1.40 -8.01 3.38
N GLY A 102 0.53 -7.03 3.57
CA GLY A 102 -0.73 -7.00 2.83
C GLY A 102 -0.48 -7.01 1.33
N GLU A 103 0.52 -6.25 0.90
CA GLU A 103 0.89 -6.19 -0.52
C GLU A 103 1.21 -7.55 -1.10
N LEU A 104 2.16 -8.24 -0.47
CA LEU A 104 2.58 -9.55 -0.96
C LEU A 104 1.47 -10.57 -0.85
N MET A 105 0.74 -10.58 0.26
CA MET A 105 -0.33 -11.56 0.41
C MET A 105 -1.40 -11.41 -0.67
N ARG A 106 -1.74 -10.17 -1.03
CA ARG A 106 -2.72 -9.98 -2.08
C ARG A 106 -2.13 -10.36 -3.43
N GLN A 107 -0.84 -10.10 -3.61
CA GLN A 107 -0.18 -10.43 -4.87
C GLN A 107 -0.13 -11.92 -5.14
N VAL A 108 0.25 -12.72 -4.14
CA VAL A 108 0.31 -14.17 -4.33
C VAL A 108 -1.09 -14.80 -4.38
N SER A 109 -2.07 -14.10 -3.86
CA SER A 109 -3.44 -14.59 -3.86
C SER A 109 -4.15 -14.34 -5.19
N LEU A 110 -3.77 -13.25 -5.86
CA LEU A 110 -4.37 -12.88 -7.14
C LEU A 110 -4.13 -13.94 -8.20
N LYS A 111 -3.02 -14.66 -8.09
CA LYS A 111 -2.67 -15.71 -9.04
C LYS A 111 -3.71 -16.81 -9.01
N GLN A 112 -4.51 -16.84 -7.94
CA GLN A 112 -5.51 -17.88 -7.77
C GLN A 112 -6.91 -17.33 -7.52
N VAL A 113 -6.99 -16.12 -6.98
CA VAL A 113 -8.27 -15.48 -6.67
C VAL A 113 -8.34 -14.06 -7.22
N PRO A 114 -9.17 -13.84 -8.25
CA PRO A 114 -9.32 -12.51 -8.85
C PRO A 114 -9.80 -11.47 -7.85
N THR A 115 -10.59 -11.91 -6.89
CA THR A 115 -11.11 -11.00 -5.86
C THR A 115 -10.11 -10.77 -4.74
N ALA A 116 -8.86 -11.11 -4.99
CA ALA A 116 -7.82 -10.89 -3.99
C ALA A 116 -7.74 -9.41 -3.62
N ILE A 117 -8.04 -8.54 -4.58
CA ILE A 117 -7.97 -7.10 -4.31
C ILE A 117 -9.04 -6.60 -3.34
N LEU A 118 -9.94 -7.49 -2.93
CA LEU A 118 -10.98 -7.11 -1.98
C LEU A 118 -10.51 -7.40 -0.55
N SER A 119 -9.36 -8.07 -0.44
CA SER A 119 -8.80 -8.42 0.86
C SER A 119 -8.17 -7.19 1.50
N ARG A 120 -8.43 -6.99 2.78
CA ARG A 120 -7.89 -5.85 3.50
C ARG A 120 -6.90 -6.31 4.57
N GLN A 121 -6.39 -7.52 4.41
CA GLN A 121 -5.42 -8.09 5.34
C GLN A 121 -4.23 -7.15 5.49
N THR A 122 -3.74 -7.02 6.71
CA THR A 122 -2.56 -6.20 6.95
C THR A 122 -1.74 -6.86 8.04
N ALA A 123 -0.69 -6.17 8.49
CA ALA A 123 0.18 -6.69 9.54
C ALA A 123 0.77 -5.49 10.27
N GLY A 124 1.04 -5.65 11.55
CA GLY A 124 1.61 -4.55 12.30
C GLY A 124 2.34 -5.02 13.52
N ILE A 125 2.88 -4.08 14.29
CA ILE A 125 3.65 -4.40 15.48
C ILE A 125 3.07 -3.76 16.73
N ARG A 126 3.01 -4.52 17.80
CA ARG A 126 2.55 -4.01 19.09
C ARG A 126 3.63 -4.52 20.04
N GLY A 127 4.47 -3.60 20.52
CA GLY A 127 5.55 -4.01 21.41
C GLY A 127 6.48 -4.97 20.70
N SER A 128 6.73 -6.13 21.30
CA SER A 128 7.60 -7.12 20.70
C SER A 128 6.79 -8.23 20.05
N CYS A 129 5.60 -7.88 19.59
CA CYS A 129 4.72 -8.85 18.94
C CYS A 129 4.33 -8.46 17.53
N LEU A 130 4.50 -9.38 16.59
CA LEU A 130 4.12 -9.13 15.20
C LEU A 130 2.73 -9.72 15.01
N ILE A 131 1.80 -8.93 14.47
CA ILE A 131 0.43 -9.39 14.23
C ILE A 131 0.19 -9.42 12.72
N VAL A 132 -0.21 -10.58 12.21
CA VAL A 132 -0.45 -10.75 10.78
C VAL A 132 -1.87 -11.28 10.51
N ASN A 133 -2.58 -10.63 9.59
CA ASN A 133 -3.94 -11.05 9.22
C ASN A 133 -3.87 -12.07 8.08
N LEU A 134 -4.48 -13.23 8.29
CA LEU A 134 -4.50 -14.26 7.26
C LEU A 134 -5.93 -14.44 6.75
N PRO A 135 -6.10 -15.13 5.61
CA PRO A 135 -7.43 -15.36 5.05
C PRO A 135 -8.14 -16.49 5.81
N GLY A 136 -9.33 -16.87 5.35
CA GLY A 136 -10.06 -17.93 6.04
C GLY A 136 -9.89 -19.32 5.45
N LYS A 137 -9.89 -19.40 4.12
CA LYS A 137 -9.74 -20.69 3.43
C LYS A 137 -8.39 -21.34 3.74
N PRO A 138 -8.41 -22.57 4.27
CA PRO A 138 -7.19 -23.31 4.60
C PRO A 138 -6.17 -23.32 3.46
N GLN A 139 -6.66 -23.36 2.24
CA GLN A 139 -5.81 -23.35 1.07
C GLN A 139 -5.09 -22.02 0.93
N SER A 140 -5.83 -20.94 1.10
CA SER A 140 -5.27 -19.60 0.99
C SER A 140 -4.35 -19.28 2.17
N ILE A 141 -4.63 -19.90 3.31
CA ILE A 141 -3.81 -19.68 4.50
C ILE A 141 -2.39 -20.19 4.30
N LYS A 142 -2.27 -21.35 3.65
CA LYS A 142 -0.95 -21.92 3.42
C LYS A 142 -0.19 -21.08 2.40
N VAL A 143 -0.88 -20.64 1.35
CA VAL A 143 -0.25 -19.81 0.33
C VAL A 143 0.29 -18.52 0.92
N CYS A 144 -0.53 -17.86 1.74
CA CYS A 144 -0.11 -16.60 2.36
C CYS A 144 1.06 -16.84 3.30
N LEU A 145 0.99 -17.91 4.09
CA LEU A 145 2.06 -18.21 5.03
C LEU A 145 3.38 -18.57 4.34
N ASP A 146 3.31 -19.33 3.25
CA ASP A 146 4.54 -19.69 2.55
C ASP A 146 5.22 -18.43 2.00
N ALA A 147 4.44 -17.40 1.71
CA ALA A 147 4.99 -16.17 1.17
C ALA A 147 5.58 -15.24 2.23
N VAL A 148 4.89 -15.10 3.36
CA VAL A 148 5.38 -14.19 4.40
C VAL A 148 6.16 -14.81 5.55
N MET A 149 5.99 -16.12 5.78
CA MET A 149 6.71 -16.76 6.87
C MET A 149 8.24 -16.63 6.77
N PRO A 150 8.79 -16.58 5.54
CA PRO A 150 10.24 -16.45 5.42
C PRO A 150 10.80 -15.16 6.04
N ALA A 151 9.95 -14.15 6.19
CA ALA A 151 10.38 -12.87 6.77
C ALA A 151 9.96 -12.71 8.22
N ILE A 152 9.06 -13.56 8.70
CA ILE A 152 8.57 -13.43 10.06
C ILE A 152 9.57 -13.59 11.22
N PRO A 153 10.36 -14.68 11.23
CA PRO A 153 11.31 -14.84 12.34
C PRO A 153 12.27 -13.66 12.49
N TYR A 154 12.81 -13.17 11.37
CA TYR A 154 13.74 -12.05 11.42
C TYR A 154 13.04 -10.78 11.90
N CYS A 155 11.81 -10.55 11.43
CA CYS A 155 11.07 -9.38 11.86
C CYS A 155 10.90 -9.42 13.38
N ILE A 156 10.61 -10.60 13.91
CA ILE A 156 10.43 -10.75 15.34
C ILE A 156 11.75 -10.48 16.06
N ASP A 157 12.87 -10.90 15.48
CA ASP A 157 14.18 -10.64 16.07
C ASP A 157 14.31 -9.13 16.26
N LEU A 158 14.05 -8.39 15.19
CA LEU A 158 14.18 -6.94 15.18
C LEU A 158 13.31 -6.18 16.18
N ILE A 159 12.19 -6.75 16.59
CA ILE A 159 11.34 -6.06 17.56
C ILE A 159 11.53 -6.57 18.99
N GLY A 160 12.55 -7.39 19.19
CA GLY A 160 12.85 -7.92 20.51
C GLY A 160 11.99 -9.09 20.95
N GLY A 161 11.44 -9.82 19.99
CA GLY A 161 10.61 -10.96 20.30
C GLY A 161 11.39 -12.26 20.43
N ALA A 162 10.68 -13.34 20.78
CA ALA A 162 11.29 -14.65 20.98
C ALA A 162 11.87 -15.24 19.69
N TYR A 163 12.82 -16.15 19.86
CA TYR A 163 13.48 -16.79 18.73
C TYR A 163 12.67 -17.93 18.12
N ILE A 164 12.44 -17.83 16.81
CA ILE A 164 11.71 -18.84 16.06
C ILE A 164 12.50 -19.16 14.81
N ASP A 165 12.56 -20.43 14.44
CA ASP A 165 13.25 -20.82 13.22
C ASP A 165 12.43 -21.90 12.56
N THR A 166 12.58 -22.03 11.24
CA THR A 166 11.80 -23.02 10.50
C THR A 166 12.67 -24.00 9.73
N ASP A 167 12.10 -25.16 9.47
CA ASP A 167 12.79 -26.20 8.72
C ASP A 167 13.05 -25.64 7.32
N PRO A 168 14.34 -25.44 6.98
CA PRO A 168 14.70 -24.89 5.66
C PRO A 168 14.20 -25.70 4.47
N ASN A 169 13.84 -26.97 4.70
CA ASN A 169 13.35 -27.82 3.62
C ASN A 169 11.88 -27.53 3.34
N LYS A 170 11.23 -26.85 4.28
CA LYS A 170 9.82 -26.52 4.15
C LYS A 170 9.65 -25.01 3.94
N VAL A 171 10.21 -24.24 4.87
CA VAL A 171 10.16 -22.78 4.81
C VAL A 171 11.50 -22.23 5.29
N LYS A 172 12.14 -21.44 4.44
CA LYS A 172 13.43 -20.86 4.78
C LYS A 172 13.25 -19.49 5.44
N ALA A 173 13.58 -19.41 6.72
CA ALA A 173 13.47 -18.15 7.45
C ALA A 173 14.77 -17.38 7.23
N PHE A 174 14.73 -16.37 6.36
CA PHE A 174 15.93 -15.59 6.07
C PHE A 174 16.39 -14.70 7.22
N ARG A 175 17.68 -14.79 7.52
CA ARG A 175 18.30 -13.99 8.57
C ARG A 175 19.71 -13.59 8.11
N PRO A 176 20.03 -12.28 8.12
CA PRO A 176 21.36 -11.86 7.68
C PRO A 176 22.44 -12.54 8.53
N LYS A 177 23.55 -12.93 7.90
CA LYS A 177 24.64 -13.57 8.60
C LYS A 177 25.90 -12.74 8.42
N LYS A 178 26.73 -12.68 9.46
CA LYS A 178 27.98 -11.92 9.42
C LYS A 178 28.93 -12.48 8.35
N GLU B 3 -34.74 -5.96 -4.75
CA GLU B 3 -33.53 -5.80 -5.62
C GLU B 3 -33.37 -4.36 -6.07
N LYS B 4 -32.26 -3.75 -5.66
CA LYS B 4 -31.95 -2.37 -6.00
C LYS B 4 -31.61 -2.21 -7.48
N LYS B 5 -32.00 -1.09 -8.06
CA LYS B 5 -31.72 -0.81 -9.46
C LYS B 5 -30.23 -0.47 -9.58
N ALA B 6 -29.60 -0.94 -10.65
CA ALA B 6 -28.17 -0.69 -10.86
C ALA B 6 -27.89 0.65 -11.51
N VAL B 7 -27.30 1.56 -10.74
CA VAL B 7 -26.94 2.87 -11.24
C VAL B 7 -25.44 3.04 -11.03
N ILE B 8 -24.74 3.44 -12.09
CA ILE B 8 -23.29 3.62 -12.03
C ILE B 8 -22.90 5.07 -12.30
N GLY B 9 -22.12 5.64 -11.40
CA GLY B 9 -21.69 7.01 -11.56
C GLY B 9 -20.35 7.08 -12.26
N VAL B 10 -20.21 8.07 -13.14
CA VAL B 10 -18.97 8.30 -13.86
C VAL B 10 -18.65 9.77 -13.67
N VAL B 11 -17.57 10.05 -12.95
CA VAL B 11 -17.20 11.41 -12.66
C VAL B 11 -15.87 11.84 -13.26
N THR B 12 -15.91 12.85 -14.11
CA THR B 12 -14.70 13.38 -14.71
C THR B 12 -14.33 14.61 -13.90
N ILE B 13 -13.14 14.59 -13.32
CA ILE B 13 -12.67 15.68 -12.49
C ILE B 13 -11.56 16.47 -13.15
N SER B 14 -11.87 17.70 -13.55
CA SER B 14 -10.89 18.57 -14.20
C SER B 14 -11.45 19.99 -14.24
N ASP B 15 -10.59 20.97 -14.01
CA ASP B 15 -11.00 22.37 -14.02
C ASP B 15 -11.14 22.80 -15.48
N ARG B 16 -10.66 21.96 -16.38
CA ARG B 16 -10.73 22.24 -17.81
C ARG B 16 -11.98 21.65 -18.46
N ALA B 17 -12.25 20.38 -18.17
CA ALA B 17 -13.41 19.70 -18.74
C ALA B 17 -14.72 20.30 -18.27
N SER B 18 -14.71 20.96 -17.12
CA SER B 18 -15.90 21.58 -16.56
C SER B 18 -16.13 22.96 -17.18
N LYS B 19 -15.42 23.24 -18.27
CA LYS B 19 -15.55 24.51 -18.97
C LYS B 19 -15.93 24.29 -20.43
N GLY B 20 -15.76 23.06 -20.89
CA GLY B 20 -16.06 22.75 -22.28
C GLY B 20 -14.82 23.00 -23.10
N ILE B 21 -13.68 23.05 -22.43
CA ILE B 21 -12.39 23.28 -23.07
C ILE B 21 -12.08 22.20 -24.11
N TYR B 22 -12.79 21.08 -24.02
CA TYR B 22 -12.61 19.97 -24.94
C TYR B 22 -13.62 18.87 -24.59
N GLU B 23 -13.77 17.89 -25.47
CA GLU B 23 -14.69 16.80 -25.20
C GLU B 23 -14.08 15.92 -24.12
N ASP B 24 -14.89 15.13 -23.46
CA ASP B 24 -14.40 14.26 -22.39
C ASP B 24 -14.05 12.86 -22.88
N ILE B 25 -12.83 12.71 -23.38
CA ILE B 25 -12.37 11.42 -23.88
C ILE B 25 -12.31 10.40 -22.75
N SER B 26 -11.73 10.79 -21.63
CA SER B 26 -11.61 9.91 -20.48
C SER B 26 -12.97 9.41 -20.02
N GLY B 27 -13.91 10.33 -19.85
CA GLY B 27 -15.24 9.95 -19.41
C GLY B 27 -15.92 9.02 -20.42
N LYS B 28 -15.76 9.34 -21.70
CA LYS B 28 -16.35 8.53 -22.77
C LYS B 28 -15.77 7.12 -22.74
N ALA B 29 -14.46 7.03 -22.56
CA ALA B 29 -13.78 5.74 -22.51
C ALA B 29 -14.40 4.86 -21.44
N ILE B 30 -14.66 5.44 -20.28
CA ILE B 30 -15.23 4.68 -19.17
C ILE B 30 -16.67 4.24 -19.49
N ILE B 31 -17.47 5.17 -20.00
CA ILE B 31 -18.85 4.86 -20.34
C ILE B 31 -18.91 3.75 -21.38
N ASP B 32 -18.09 3.88 -22.42
CA ASP B 32 -18.06 2.87 -23.47
C ASP B 32 -17.68 1.50 -22.91
N TYR B 33 -16.72 1.48 -22.00
CA TYR B 33 -16.28 0.24 -21.39
C TYR B 33 -17.44 -0.42 -20.68
N LEU B 34 -18.14 0.34 -19.85
CA LEU B 34 -19.29 -0.17 -19.10
C LEU B 34 -20.36 -0.75 -20.01
N LYS B 35 -20.72 0.00 -21.05
CA LYS B 35 -21.74 -0.45 -21.98
C LYS B 35 -21.27 -1.67 -22.78
N ASP B 36 -19.96 -1.83 -22.90
CA ASP B 36 -19.39 -2.94 -23.66
C ASP B 36 -19.33 -4.25 -22.88
N VAL B 37 -18.94 -4.19 -21.61
CA VAL B 37 -18.81 -5.40 -20.80
C VAL B 37 -20.01 -5.80 -19.95
N ILE B 38 -20.81 -4.83 -19.52
CA ILE B 38 -21.96 -5.13 -18.69
C ILE B 38 -23.12 -5.66 -19.54
N ILE B 39 -23.74 -6.74 -19.07
CA ILE B 39 -24.84 -7.36 -19.78
C ILE B 39 -26.16 -7.26 -19.01
N THR B 40 -26.08 -6.72 -17.80
CA THR B 40 -27.28 -6.56 -16.96
C THR B 40 -27.79 -5.12 -17.10
N PRO B 41 -29.04 -4.88 -16.70
CA PRO B 41 -29.63 -3.54 -16.81
C PRO B 41 -28.95 -2.55 -15.87
N PHE B 42 -28.62 -1.37 -16.39
CA PHE B 42 -27.99 -0.35 -15.56
C PHE B 42 -28.08 1.02 -16.23
N GLU B 43 -28.02 2.06 -15.41
CA GLU B 43 -28.08 3.42 -15.91
C GLU B 43 -26.81 4.14 -15.47
N VAL B 44 -26.40 5.14 -16.23
CA VAL B 44 -25.20 5.90 -15.92
C VAL B 44 -25.53 7.32 -15.49
N GLU B 45 -24.90 7.76 -14.40
CA GLU B 45 -25.05 9.12 -13.91
C GLU B 45 -23.69 9.75 -14.18
N TYR B 46 -23.67 10.68 -15.14
CA TYR B 46 -22.44 11.36 -15.56
C TYR B 46 -22.29 12.75 -14.97
N ARG B 47 -21.10 13.02 -14.44
CA ARG B 47 -20.80 14.32 -13.84
C ARG B 47 -19.40 14.79 -14.24
N VAL B 48 -19.29 16.07 -14.59
CA VAL B 48 -18.01 16.67 -14.95
C VAL B 48 -17.86 17.85 -14.00
N ILE B 49 -16.87 17.76 -13.12
CA ILE B 49 -16.65 18.81 -12.13
C ILE B 49 -15.21 19.32 -12.06
N PRO B 50 -15.00 20.47 -11.41
CA PRO B 50 -13.69 21.09 -11.26
C PRO B 50 -12.83 20.37 -10.22
N ASP B 51 -11.57 20.76 -10.14
CA ASP B 51 -10.62 20.18 -9.18
C ASP B 51 -10.78 20.92 -7.85
N GLU B 52 -11.93 20.76 -7.22
CA GLU B 52 -12.21 21.37 -5.92
C GLU B 52 -12.64 20.24 -4.99
N ARG B 53 -11.82 19.96 -3.99
CA ARG B 53 -12.11 18.87 -3.06
C ARG B 53 -13.54 18.83 -2.52
N ASP B 54 -14.03 19.95 -2.01
CA ASP B 54 -15.38 19.97 -1.47
C ASP B 54 -16.44 19.59 -2.52
N LEU B 55 -16.29 20.11 -3.73
CA LEU B 55 -17.23 19.80 -4.79
C LEU B 55 -17.17 18.32 -5.18
N ILE B 56 -15.97 17.75 -5.16
CA ILE B 56 -15.81 16.34 -5.50
C ILE B 56 -16.52 15.52 -4.42
N GLU B 57 -16.27 15.86 -3.16
CA GLU B 57 -16.91 15.16 -2.04
C GLU B 57 -18.43 15.20 -2.15
N LYS B 58 -18.97 16.39 -2.40
CA LYS B 58 -20.42 16.55 -2.49
C LYS B 58 -21.00 15.78 -3.67
N THR B 59 -20.25 15.74 -4.77
CA THR B 59 -20.70 15.03 -5.97
C THR B 59 -20.76 13.52 -5.70
N LEU B 60 -19.72 12.98 -5.06
CA LEU B 60 -19.71 11.55 -4.75
C LEU B 60 -20.87 11.20 -3.81
N ILE B 61 -21.12 12.07 -2.83
CA ILE B 61 -22.20 11.83 -1.88
C ILE B 61 -23.56 11.91 -2.57
N GLU B 62 -23.71 12.84 -3.51
CA GLU B 62 -24.96 12.99 -4.24
C GLU B 62 -25.23 11.71 -5.04
N LEU B 63 -24.19 11.21 -5.71
CA LEU B 63 -24.33 10.00 -6.51
C LEU B 63 -24.62 8.77 -5.67
N ALA B 64 -23.91 8.62 -4.57
CA ALA B 64 -24.10 7.46 -3.71
C ALA B 64 -25.42 7.51 -2.93
N ASP B 65 -25.65 8.62 -2.24
CA ASP B 65 -26.83 8.79 -1.40
C ASP B 65 -28.14 9.17 -2.08
N GLU B 66 -28.09 10.10 -3.04
CA GLU B 66 -29.30 10.54 -3.71
C GLU B 66 -29.65 9.76 -4.96
N LYS B 67 -28.66 9.44 -5.79
CA LYS B 67 -28.92 8.70 -7.01
C LYS B 67 -28.87 7.19 -6.79
N GLY B 68 -28.41 6.79 -5.60
CA GLY B 68 -28.32 5.37 -5.28
C GLY B 68 -27.33 4.57 -6.10
N CYS B 69 -26.20 5.17 -6.45
CA CYS B 69 -25.19 4.45 -7.23
C CYS B 69 -24.60 3.32 -6.41
N SER B 70 -24.27 2.22 -7.09
CA SER B 70 -23.66 1.05 -6.44
C SER B 70 -22.17 1.03 -6.78
N LEU B 71 -21.82 1.77 -7.83
CA LEU B 71 -20.45 1.90 -8.29
C LEU B 71 -20.24 3.30 -8.83
N ILE B 72 -19.12 3.91 -8.48
CA ILE B 72 -18.79 5.24 -8.99
C ILE B 72 -17.35 5.16 -9.45
N LEU B 73 -17.12 5.52 -10.69
CA LEU B 73 -15.77 5.51 -11.26
C LEU B 73 -15.38 6.95 -11.55
N THR B 74 -14.25 7.38 -11.00
CA THR B 74 -13.77 8.73 -11.22
C THR B 74 -12.56 8.73 -12.14
N THR B 75 -12.32 9.85 -12.79
CA THR B 75 -11.15 9.99 -13.65
C THR B 75 -10.59 11.39 -13.52
N GLY B 76 -9.29 11.48 -13.23
CA GLY B 76 -8.65 12.77 -13.08
C GLY B 76 -8.33 13.16 -11.65
N GLY B 77 -7.34 14.02 -11.48
CA GLY B 77 -6.93 14.50 -10.18
C GLY B 77 -6.32 13.50 -9.22
N THR B 78 -5.57 12.53 -9.74
CA THR B 78 -4.95 11.52 -8.88
C THR B 78 -3.42 11.57 -8.88
N GLY B 79 -2.85 12.64 -9.41
CA GLY B 79 -1.40 12.77 -9.46
C GLY B 79 -0.79 13.48 -8.27
N PRO B 80 0.50 13.83 -8.35
CA PRO B 80 1.24 14.52 -7.27
C PRO B 80 0.99 16.01 -7.11
N ALA B 81 0.48 16.65 -8.16
CA ALA B 81 0.22 18.09 -8.11
C ALA B 81 -0.72 18.43 -6.96
N PRO B 82 -0.49 19.58 -6.30
CA PRO B 82 -1.34 19.98 -5.19
C PRO B 82 -2.85 20.08 -5.44
N ARG B 83 -3.25 20.37 -6.67
CA ARG B 83 -4.69 20.48 -6.94
C ARG B 83 -5.36 19.14 -7.26
N ASP B 84 -4.55 18.07 -7.36
CA ASP B 84 -5.08 16.73 -7.64
C ASP B 84 -5.52 16.17 -6.29
N VAL B 85 -6.79 16.41 -5.96
CA VAL B 85 -7.34 15.99 -4.68
C VAL B 85 -8.44 14.93 -4.73
N THR B 86 -8.52 14.20 -5.84
CA THR B 86 -9.55 13.18 -5.93
C THR B 86 -9.38 12.09 -4.86
N PRO B 87 -8.15 11.62 -4.62
CA PRO B 87 -8.00 10.59 -3.59
C PRO B 87 -8.47 11.08 -2.22
N GLU B 88 -8.11 12.31 -1.87
CA GLU B 88 -8.50 12.87 -0.57
C GLU B 88 -10.02 12.96 -0.43
N ALA B 89 -10.69 13.38 -1.50
CA ALA B 89 -12.14 13.50 -1.50
C ALA B 89 -12.76 12.11 -1.37
N THR B 90 -12.16 11.13 -2.05
CA THR B 90 -12.66 9.76 -2.00
C THR B 90 -12.53 9.21 -0.57
N GLU B 91 -11.37 9.43 0.05
CA GLU B 91 -11.14 8.97 1.41
C GLU B 91 -12.15 9.60 2.36
N ALA B 92 -12.43 10.87 2.12
CA ALA B 92 -13.35 11.63 2.97
C ALA B 92 -14.78 11.10 2.98
N VAL B 93 -15.27 10.60 1.84
CA VAL B 93 -16.66 10.12 1.79
C VAL B 93 -16.84 8.62 2.02
N CYS B 94 -15.76 7.86 2.03
CA CYS B 94 -15.84 6.41 2.24
C CYS B 94 -15.54 6.04 3.69
N GLU B 95 -16.16 4.98 4.17
CA GLU B 95 -15.92 4.56 5.55
C GLU B 95 -14.97 3.37 5.62
N LYS B 96 -14.61 2.80 4.48
CA LYS B 96 -13.74 1.64 4.45
C LYS B 96 -12.95 1.64 3.14
N MET B 97 -11.63 1.72 3.22
CA MET B 97 -10.80 1.75 2.02
C MET B 97 -10.31 0.36 1.62
N LEU B 98 -10.06 0.17 0.33
CA LEU B 98 -9.59 -1.11 -0.22
C LEU B 98 -8.21 -0.92 -0.86
N PRO B 99 -7.14 -1.15 -0.08
CA PRO B 99 -5.77 -0.99 -0.58
C PRO B 99 -5.43 -1.81 -1.81
N GLY B 100 -6.09 -2.95 -1.96
CA GLY B 100 -5.83 -3.82 -3.09
C GLY B 100 -6.07 -3.19 -4.46
N PHE B 101 -7.00 -2.24 -4.54
CA PHE B 101 -7.27 -1.59 -5.82
C PHE B 101 -6.12 -0.72 -6.32
N GLY B 102 -5.70 0.24 -5.50
CA GLY B 102 -4.61 1.10 -5.91
C GLY B 102 -3.35 0.30 -6.20
N GLU B 103 -3.13 -0.75 -5.41
CA GLU B 103 -1.96 -1.60 -5.58
C GLU B 103 -1.92 -2.27 -6.94
N LEU B 104 -3.01 -2.95 -7.30
CA LEU B 104 -3.07 -3.64 -8.59
C LEU B 104 -3.10 -2.66 -9.76
N MET B 105 -3.88 -1.59 -9.63
CA MET B 105 -3.95 -0.62 -10.71
C MET B 105 -2.60 0.01 -11.04
N ARG B 106 -1.80 0.33 -10.02
CA ARG B 106 -0.49 0.92 -10.27
C ARG B 106 0.42 -0.15 -10.88
N GLN B 107 0.27 -1.38 -10.42
CA GLN B 107 1.08 -2.48 -10.89
C GLN B 107 0.90 -2.73 -12.40
N VAL B 108 -0.35 -2.80 -12.84
CA VAL B 108 -0.60 -3.04 -14.26
C VAL B 108 -0.29 -1.84 -15.12
N SER B 109 -0.46 -0.64 -14.57
CA SER B 109 -0.19 0.61 -15.28
C SER B 109 1.31 0.82 -15.49
N LEU B 110 2.10 0.35 -14.52
CA LEU B 110 3.55 0.49 -14.56
C LEU B 110 4.21 -0.22 -15.74
N LYS B 111 3.54 -1.23 -16.28
CA LYS B 111 4.10 -1.98 -17.40
C LYS B 111 4.47 -1.13 -18.60
N GLN B 112 3.75 -0.03 -18.80
CA GLN B 112 4.01 0.88 -19.92
C GLN B 112 4.33 2.29 -19.46
N VAL B 113 3.83 2.66 -18.28
CA VAL B 113 4.06 4.00 -17.76
C VAL B 113 4.87 4.00 -16.48
N PRO B 114 6.17 4.32 -16.58
CA PRO B 114 7.05 4.35 -15.41
C PRO B 114 6.54 5.31 -14.33
N THR B 115 5.85 6.36 -14.75
CA THR B 115 5.32 7.34 -13.81
C THR B 115 4.03 6.89 -13.13
N ALA B 116 3.66 5.63 -13.32
CA ALA B 116 2.46 5.09 -12.70
C ALA B 116 2.61 5.15 -11.18
N ILE B 117 3.84 5.14 -10.68
CA ILE B 117 4.06 5.19 -9.24
C ILE B 117 3.76 6.56 -8.66
N LEU B 118 3.40 7.50 -9.52
CA LEU B 118 3.06 8.85 -9.06
C LEU B 118 1.56 8.94 -8.87
N SER B 119 0.83 7.90 -9.29
CA SER B 119 -0.62 7.89 -9.13
C SER B 119 -1.03 7.59 -7.70
N ARG B 120 -1.99 8.37 -7.20
CA ARG B 120 -2.50 8.19 -5.84
C ARG B 120 -3.90 7.59 -5.84
N GLN B 121 -4.29 6.97 -6.96
CA GLN B 121 -5.59 6.33 -7.08
C GLN B 121 -5.86 5.35 -5.96
N THR B 122 -7.10 5.32 -5.50
CA THR B 122 -7.49 4.38 -4.47
C THR B 122 -8.94 3.97 -4.71
N ALA B 123 -9.52 3.23 -3.77
CA ALA B 123 -10.91 2.81 -3.87
C ALA B 123 -11.43 2.62 -2.46
N GLY B 124 -12.72 2.84 -2.30
CA GLY B 124 -13.32 2.70 -0.98
C GLY B 124 -14.80 2.45 -1.07
N ILE B 125 -15.41 2.26 0.10
CA ILE B 125 -16.83 1.96 0.20
C ILE B 125 -17.61 3.00 1.00
N ARG B 126 -18.75 3.42 0.46
CA ARG B 126 -19.64 4.36 1.16
C ARG B 126 -20.99 3.67 1.13
N GLY B 127 -21.39 3.08 2.26
CA GLY B 127 -22.66 2.38 2.30
C GLY B 127 -22.62 1.19 1.34
N SER B 128 -23.57 1.14 0.42
CA SER B 128 -23.63 0.05 -0.55
C SER B 128 -23.07 0.48 -1.91
N CYS B 129 -22.18 1.46 -1.89
CA CYS B 129 -21.58 1.95 -3.12
C CYS B 129 -20.05 1.82 -3.10
N LEU B 130 -19.52 1.25 -4.18
CA LEU B 130 -18.06 1.11 -4.31
C LEU B 130 -17.56 2.25 -5.17
N ILE B 131 -16.52 2.94 -4.72
CA ILE B 131 -15.95 4.05 -5.45
C ILE B 131 -14.53 3.72 -5.84
N VAL B 132 -14.20 3.86 -7.12
CA VAL B 132 -12.86 3.55 -7.62
C VAL B 132 -12.27 4.69 -8.44
N ASN B 133 -11.03 5.08 -8.11
CA ASN B 133 -10.34 6.15 -8.83
C ASN B 133 -9.60 5.56 -10.03
N LEU B 134 -9.88 6.09 -11.21
CA LEU B 134 -9.20 5.62 -12.43
C LEU B 134 -8.30 6.74 -12.93
N PRO B 135 -7.30 6.39 -13.76
CA PRO B 135 -6.39 7.41 -14.29
C PRO B 135 -7.05 8.22 -15.41
N GLY B 136 -6.29 9.12 -16.03
CA GLY B 136 -6.84 9.96 -17.09
C GLY B 136 -6.58 9.50 -18.51
N LYS B 137 -5.48 8.79 -18.73
CA LYS B 137 -5.14 8.31 -20.06
C LYS B 137 -5.86 7.00 -20.40
N PRO B 138 -6.44 6.90 -21.60
CA PRO B 138 -7.17 5.74 -22.11
C PRO B 138 -6.45 4.40 -21.92
N GLN B 139 -5.17 4.37 -22.28
CA GLN B 139 -4.39 3.16 -22.12
C GLN B 139 -4.41 2.72 -20.67
N SER B 140 -4.19 3.66 -19.75
CA SER B 140 -4.18 3.35 -18.33
C SER B 140 -5.57 2.99 -17.83
N ILE B 141 -6.59 3.68 -18.32
CA ILE B 141 -7.96 3.41 -17.90
C ILE B 141 -8.33 1.97 -18.25
N LYS B 142 -7.93 1.51 -19.44
CA LYS B 142 -8.26 0.16 -19.87
C LYS B 142 -7.58 -0.92 -19.03
N VAL B 143 -6.26 -0.83 -18.86
CA VAL B 143 -5.55 -1.84 -18.08
C VAL B 143 -6.06 -1.87 -16.64
N CYS B 144 -6.43 -0.70 -16.13
CA CYS B 144 -6.93 -0.61 -14.75
C CYS B 144 -8.28 -1.32 -14.62
N LEU B 145 -9.22 -1.01 -15.52
CA LEU B 145 -10.53 -1.64 -15.48
C LEU B 145 -10.47 -3.14 -15.73
N ASP B 146 -9.66 -3.56 -16.70
CA ASP B 146 -9.53 -4.99 -16.98
C ASP B 146 -9.00 -5.72 -15.76
N ALA B 147 -8.19 -5.03 -14.96
CA ALA B 147 -7.61 -5.62 -13.76
C ALA B 147 -8.56 -5.72 -12.57
N VAL B 148 -9.32 -4.66 -12.32
CA VAL B 148 -10.22 -4.67 -11.17
C VAL B 148 -11.68 -5.06 -11.38
N MET B 149 -12.20 -4.89 -12.59
CA MET B 149 -13.60 -5.22 -12.86
C MET B 149 -13.98 -6.66 -12.49
N PRO B 150 -13.06 -7.63 -12.64
CA PRO B 150 -13.41 -8.99 -12.28
C PRO B 150 -13.85 -9.15 -10.83
N ALA B 151 -13.45 -8.21 -9.97
CA ALA B 151 -13.80 -8.28 -8.55
C ALA B 151 -14.87 -7.27 -8.12
N ILE B 152 -15.21 -6.35 -9.00
CA ILE B 152 -16.20 -5.31 -8.67
C ILE B 152 -17.64 -5.79 -8.41
N PRO B 153 -18.22 -6.59 -9.33
CA PRO B 153 -19.59 -7.05 -9.08
C PRO B 153 -19.73 -7.79 -7.75
N TYR B 154 -18.79 -8.68 -7.46
CA TYR B 154 -18.84 -9.43 -6.21
C TYR B 154 -18.66 -8.52 -5.00
N CYS B 155 -17.78 -7.52 -5.12
CA CYS B 155 -17.59 -6.59 -4.01
C CYS B 155 -18.92 -5.89 -3.73
N ILE B 156 -19.60 -5.51 -4.80
CA ILE B 156 -20.89 -4.83 -4.65
C ILE B 156 -21.90 -5.74 -3.98
N ASP B 157 -21.85 -7.03 -4.30
CA ASP B 157 -22.76 -7.99 -3.67
C ASP B 157 -22.56 -7.96 -2.15
N LEU B 158 -21.30 -8.01 -1.73
CA LEU B 158 -20.95 -8.02 -0.32
C LEU B 158 -21.31 -6.78 0.47
N ILE B 159 -21.46 -5.63 -0.20
CA ILE B 159 -21.82 -4.42 0.51
C ILE B 159 -23.31 -4.11 0.36
N GLY B 160 -24.02 -5.00 -0.31
CA GLY B 160 -25.46 -4.83 -0.47
C GLY B 160 -25.92 -3.96 -1.62
N GLY B 161 -25.06 -3.79 -2.63
CA GLY B 161 -25.40 -2.97 -3.77
C GLY B 161 -26.20 -3.75 -4.81
N ALA B 162 -26.50 -3.09 -5.92
CA ALA B 162 -27.26 -3.70 -7.00
C ALA B 162 -26.50 -4.81 -7.74
N TYR B 163 -27.24 -5.68 -8.40
CA TYR B 163 -26.66 -6.79 -9.15
C TYR B 163 -26.14 -6.35 -10.52
N ILE B 164 -24.86 -6.64 -10.76
CA ILE B 164 -24.22 -6.31 -12.02
C ILE B 164 -23.45 -7.54 -12.49
N ASP B 165 -23.57 -7.85 -13.78
CA ASP B 165 -22.84 -8.98 -14.33
C ASP B 165 -22.19 -8.58 -15.64
N THR B 166 -21.12 -9.27 -16.00
CA THR B 166 -20.39 -8.95 -17.21
C THR B 166 -20.27 -10.10 -18.20
N ASP B 167 -19.93 -9.75 -19.43
CA ASP B 167 -19.76 -10.72 -20.51
C ASP B 167 -18.44 -11.45 -20.29
N PRO B 168 -18.50 -12.73 -19.87
CA PRO B 168 -17.29 -13.51 -19.62
C PRO B 168 -16.28 -13.58 -20.77
N ASN B 169 -16.73 -13.26 -21.99
CA ASN B 169 -15.83 -13.26 -23.14
C ASN B 169 -15.05 -11.95 -23.20
N LYS B 170 -15.35 -11.06 -22.27
CA LYS B 170 -14.69 -9.77 -22.20
C LYS B 170 -14.01 -9.60 -20.85
N VAL B 171 -14.74 -9.95 -19.79
CA VAL B 171 -14.23 -9.88 -18.41
C VAL B 171 -15.19 -10.68 -17.54
N LYS B 172 -14.68 -11.69 -16.85
CA LYS B 172 -15.53 -12.52 -16.01
C LYS B 172 -15.58 -12.03 -14.56
N ALA B 173 -16.80 -11.80 -14.09
CA ALA B 173 -17.02 -11.34 -12.73
C ALA B 173 -17.10 -12.53 -11.79
N PHE B 174 -16.15 -12.62 -10.86
CA PHE B 174 -16.16 -13.73 -9.90
C PHE B 174 -17.36 -13.66 -8.98
N ARG B 175 -17.85 -14.84 -8.60
CA ARG B 175 -18.98 -14.98 -7.69
C ARG B 175 -19.01 -16.43 -7.19
N PRO B 176 -19.14 -16.62 -5.87
CA PRO B 176 -19.19 -17.96 -5.31
C PRO B 176 -20.44 -18.72 -5.76
N LYS B 177 -20.47 -20.02 -5.52
CA LYS B 177 -21.60 -20.85 -5.91
C LYS B 177 -22.91 -20.38 -5.27
N GLU C 3 13.73 30.00 -13.20
CA GLU C 3 15.10 29.43 -13.39
C GLU C 3 15.53 28.69 -12.13
N LYS C 4 14.56 28.10 -11.45
CA LYS C 4 14.81 27.35 -10.21
C LYS C 4 16.02 26.43 -10.29
N LYS C 5 16.96 26.60 -9.38
CA LYS C 5 18.16 25.79 -9.34
C LYS C 5 17.85 24.44 -8.70
N ALA C 6 18.49 23.39 -9.21
CA ALA C 6 18.27 22.04 -8.70
C ALA C 6 19.19 21.74 -7.52
N VAL C 7 18.59 21.49 -6.37
CA VAL C 7 19.33 21.17 -5.15
C VAL C 7 18.74 19.85 -4.66
N ILE C 8 19.61 18.85 -4.47
CA ILE C 8 19.15 17.56 -4.00
C ILE C 8 19.73 17.24 -2.64
N GLY C 9 18.84 16.92 -1.70
CA GLY C 9 19.27 16.59 -0.36
C GLY C 9 19.52 15.10 -0.19
N VAL C 10 20.57 14.76 0.56
CA VAL C 10 20.92 13.37 0.84
C VAL C 10 21.05 13.30 2.36
N VAL C 11 20.15 12.56 2.99
CA VAL C 11 20.16 12.45 4.44
C VAL C 11 20.38 11.02 4.93
N THR C 12 21.50 10.80 5.61
CA THR C 12 21.80 9.49 6.15
C THR C 12 21.35 9.51 7.61
N ILE C 13 20.44 8.60 7.95
CA ILE C 13 19.89 8.52 9.29
C ILE C 13 20.47 7.29 9.98
N SER C 14 21.44 7.51 10.86
CA SER C 14 22.10 6.42 11.56
C SER C 14 22.85 6.88 12.79
N ASP C 15 22.51 6.32 13.94
CA ASP C 15 23.17 6.70 15.18
C ASP C 15 24.67 6.41 15.05
N ARG C 16 25.01 5.20 14.62
CA ARG C 16 26.40 4.81 14.45
C ARG C 16 27.15 5.74 13.51
N ALA C 17 26.60 5.95 12.32
CA ALA C 17 27.22 6.82 11.33
C ALA C 17 27.43 8.23 11.89
N SER C 18 26.42 8.75 12.58
CA SER C 18 26.49 10.09 13.16
C SER C 18 27.52 10.15 14.29
N LYS C 19 27.78 9.01 14.92
CA LYS C 19 28.74 8.94 16.02
C LYS C 19 30.14 8.72 15.46
N GLY C 20 30.21 8.39 14.18
CA GLY C 20 31.49 8.14 13.54
C GLY C 20 31.98 6.73 13.80
N ILE C 21 31.09 5.88 14.29
CA ILE C 21 31.46 4.48 14.58
C ILE C 21 31.83 3.77 13.28
N TYR C 22 31.18 4.16 12.18
CA TYR C 22 31.50 3.57 10.88
C TYR C 22 31.28 4.56 9.74
N GLU C 23 31.97 4.32 8.63
CA GLU C 23 31.91 5.17 7.44
C GLU C 23 30.54 5.11 6.74
N ASP C 24 30.06 6.26 6.28
CA ASP C 24 28.76 6.32 5.59
C ASP C 24 28.84 5.95 4.11
N ILE C 25 28.83 4.65 3.85
CA ILE C 25 28.91 4.17 2.48
C ILE C 25 27.56 4.32 1.77
N SER C 26 26.48 4.49 2.55
CA SER C 26 25.15 4.64 1.98
C SER C 26 25.01 6.01 1.31
N GLY C 27 25.33 7.05 2.06
CA GLY C 27 25.26 8.39 1.52
C GLY C 27 26.16 8.52 0.30
N LYS C 28 27.34 7.89 0.38
CA LYS C 28 28.28 7.93 -0.73
C LYS C 28 27.67 7.27 -1.96
N ALA C 29 27.00 6.15 -1.75
CA ALA C 29 26.37 5.41 -2.84
C ALA C 29 25.32 6.27 -3.54
N ILE C 30 24.56 7.03 -2.76
CA ILE C 30 23.51 7.89 -3.32
C ILE C 30 24.11 9.02 -4.14
N ILE C 31 25.10 9.70 -3.58
CA ILE C 31 25.74 10.82 -4.27
C ILE C 31 26.43 10.33 -5.54
N ASP C 32 27.13 9.21 -5.46
CA ASP C 32 27.80 8.67 -6.64
C ASP C 32 26.79 8.38 -7.74
N TYR C 33 25.64 7.83 -7.36
CA TYR C 33 24.59 7.50 -8.33
C TYR C 33 24.06 8.75 -9.01
N LEU C 34 23.80 9.80 -8.23
CA LEU C 34 23.29 11.06 -8.78
C LEU C 34 24.27 11.70 -9.76
N LYS C 35 25.54 11.75 -9.36
CA LYS C 35 26.58 12.34 -10.21
C LYS C 35 26.73 11.57 -11.51
N ASP C 36 26.52 10.26 -11.45
CA ASP C 36 26.65 9.40 -12.61
C ASP C 36 25.52 9.45 -13.63
N VAL C 37 24.28 9.59 -13.16
CA VAL C 37 23.12 9.60 -14.06
C VAL C 37 22.47 10.93 -14.42
N ILE C 38 22.64 11.95 -13.58
CA ILE C 38 22.02 13.24 -13.86
C ILE C 38 22.79 14.08 -14.88
N ILE C 39 22.13 14.39 -15.99
CA ILE C 39 22.71 15.20 -17.05
C ILE C 39 22.71 16.67 -16.67
N THR C 40 21.56 17.15 -16.21
CA THR C 40 21.40 18.55 -15.82
C THR C 40 22.26 18.95 -14.62
N PRO C 41 22.51 20.26 -14.46
CA PRO C 41 23.31 20.76 -13.34
C PRO C 41 22.54 20.66 -12.02
N PHE C 42 23.24 20.42 -10.93
CA PHE C 42 22.59 20.32 -9.63
C PHE C 42 23.59 20.36 -8.48
N GLU C 43 23.11 20.81 -7.32
CA GLU C 43 23.92 20.90 -6.11
C GLU C 43 23.42 19.84 -5.13
N VAL C 44 24.27 19.50 -4.16
CA VAL C 44 23.92 18.49 -3.15
C VAL C 44 24.01 19.05 -1.73
N GLU C 45 22.99 18.76 -0.93
CA GLU C 45 22.96 19.16 0.47
C GLU C 45 23.01 17.85 1.25
N TYR C 46 24.19 17.48 1.70
CA TYR C 46 24.42 16.24 2.43
C TYR C 46 24.34 16.40 3.96
N ARG C 47 23.68 15.46 4.62
CA ARG C 47 23.52 15.50 6.09
C ARG C 47 23.56 14.09 6.68
N VAL C 48 24.24 13.93 7.82
CA VAL C 48 24.31 12.65 8.52
C VAL C 48 23.81 12.92 9.93
N ILE C 49 22.70 12.29 10.30
CA ILE C 49 22.10 12.50 11.62
C ILE C 49 21.73 11.21 12.33
N PRO C 50 21.66 11.26 13.66
CA PRO C 50 21.30 10.07 14.43
C PRO C 50 19.80 9.87 14.23
N ASP C 51 19.28 8.70 14.59
CA ASP C 51 17.86 8.47 14.39
C ASP C 51 16.99 9.03 15.52
N GLU C 52 16.95 10.35 15.60
CA GLU C 52 16.13 11.05 16.58
C GLU C 52 14.99 11.64 15.76
N ARG C 53 13.78 11.14 16.00
CA ARG C 53 12.58 11.58 15.31
C ARG C 53 12.53 13.08 15.03
N ASP C 54 12.67 13.90 16.06
CA ASP C 54 12.61 15.35 15.86
C ASP C 54 13.71 15.88 14.93
N LEU C 55 14.92 15.34 15.05
CA LEU C 55 16.02 15.81 14.21
C LEU C 55 15.77 15.43 12.75
N ILE C 56 15.11 14.30 12.53
CA ILE C 56 14.83 13.89 11.16
C ILE C 56 13.85 14.88 10.54
N GLU C 57 12.74 15.14 11.23
CA GLU C 57 11.75 16.07 10.72
C GLU C 57 12.34 17.47 10.50
N LYS C 58 13.08 17.96 11.49
CA LYS C 58 13.69 19.29 11.39
C LYS C 58 14.66 19.37 10.22
N THR C 59 15.39 18.28 9.97
CA THR C 59 16.36 18.24 8.88
C THR C 59 15.66 18.20 7.53
N LEU C 60 14.57 17.43 7.42
CA LEU C 60 13.86 17.37 6.15
C LEU C 60 13.27 18.74 5.84
N ILE C 61 12.68 19.38 6.85
CA ILE C 61 12.10 20.69 6.65
C ILE C 61 13.14 21.75 6.28
N GLU C 62 14.29 21.71 6.94
CA GLU C 62 15.34 22.68 6.65
C GLU C 62 15.77 22.58 5.18
N LEU C 63 15.98 21.35 4.73
CA LEU C 63 16.41 21.12 3.35
C LEU C 63 15.38 21.59 2.33
N ALA C 64 14.12 21.23 2.53
CA ALA C 64 13.06 21.63 1.61
C ALA C 64 12.76 23.12 1.67
N ASP C 65 12.49 23.62 2.87
CA ASP C 65 12.12 25.02 3.07
C ASP C 65 13.26 26.03 2.98
N GLU C 66 14.34 25.78 3.73
CA GLU C 66 15.48 26.70 3.76
C GLU C 66 16.52 26.55 2.65
N LYS C 67 16.84 25.32 2.26
CA LYS C 67 17.83 25.10 1.22
C LYS C 67 17.19 24.94 -0.15
N GLY C 68 15.87 24.95 -0.19
CA GLY C 68 15.15 24.84 -1.44
C GLY C 68 15.39 23.57 -2.23
N CYS C 69 15.51 22.43 -1.54
CA CYS C 69 15.71 21.17 -2.23
C CYS C 69 14.46 20.81 -3.03
N SER C 70 14.64 20.21 -4.19
CA SER C 70 13.52 19.78 -5.01
C SER C 70 13.37 18.27 -4.84
N LEU C 71 14.40 17.66 -4.25
CA LEU C 71 14.40 16.23 -3.99
C LEU C 71 15.24 15.95 -2.76
N ILE C 72 14.80 15.03 -1.93
CA ILE C 72 15.54 14.63 -0.75
C ILE C 72 15.49 13.13 -0.70
N LEU C 73 16.66 12.51 -0.64
CA LEU C 73 16.77 11.06 -0.57
C LEU C 73 17.33 10.70 0.80
N THR C 74 16.60 9.87 1.54
CA THR C 74 17.07 9.47 2.85
C THR C 74 17.52 8.02 2.79
N THR C 75 18.40 7.64 3.72
CA THR C 75 18.87 6.27 3.81
C THR C 75 18.98 5.94 5.29
N GLY C 76 18.36 4.82 5.68
CA GLY C 76 18.38 4.37 7.06
C GLY C 76 17.07 4.53 7.83
N GLY C 77 16.88 3.70 8.85
CA GLY C 77 15.70 3.78 9.70
C GLY C 77 14.33 3.46 9.14
N THR C 78 14.25 2.49 8.25
CA THR C 78 12.96 2.15 7.64
C THR C 78 12.45 0.72 7.91
N GLY C 79 13.06 0.03 8.88
CA GLY C 79 12.65 -1.32 9.21
C GLY C 79 11.57 -1.39 10.29
N PRO C 80 11.27 -2.61 10.80
CA PRO C 80 10.25 -2.79 11.83
C PRO C 80 10.66 -2.39 13.26
N ALA C 81 11.97 -2.29 13.50
CA ALA C 81 12.48 -1.90 14.83
C ALA C 81 11.85 -0.61 15.28
N PRO C 82 11.53 -0.49 16.58
CA PRO C 82 10.90 0.72 17.10
C PRO C 82 11.68 2.02 16.90
N ARG C 83 13.01 1.94 16.82
CA ARG C 83 13.79 3.15 16.63
C ARG C 83 13.80 3.61 15.18
N ASP C 84 13.35 2.74 14.28
CA ASP C 84 13.32 3.09 12.86
C ASP C 84 12.08 3.94 12.60
N VAL C 85 12.26 5.25 12.66
CA VAL C 85 11.15 6.19 12.48
C VAL C 85 11.28 7.12 11.28
N THR C 86 12.10 6.77 10.30
CA THR C 86 12.24 7.62 9.13
C THR C 86 10.92 7.76 8.36
N PRO C 87 10.16 6.66 8.22
CA PRO C 87 8.89 6.79 7.49
C PRO C 87 7.92 7.69 8.24
N GLU C 88 7.89 7.58 9.57
CA GLU C 88 7.03 8.40 10.40
C GLU C 88 7.39 9.87 10.24
N ALA C 89 8.68 10.16 10.25
CA ALA C 89 9.18 11.52 10.10
C ALA C 89 8.80 12.08 8.73
N THR C 90 8.93 11.24 7.72
CA THR C 90 8.62 11.64 6.35
C THR C 90 7.14 11.99 6.21
N GLU C 91 6.27 11.14 6.72
CA GLU C 91 4.84 11.40 6.62
C GLU C 91 4.50 12.69 7.37
N ALA C 92 5.20 12.92 8.48
CA ALA C 92 4.95 14.09 9.32
C ALA C 92 5.29 15.42 8.67
N VAL C 93 6.16 15.43 7.66
CA VAL C 93 6.51 16.70 7.01
C VAL C 93 5.90 16.85 5.61
N CYS C 94 5.25 15.80 5.12
CA CYS C 94 4.65 15.86 3.79
C CYS C 94 3.14 16.13 3.80
N GLU C 95 2.65 16.74 2.73
CA GLU C 95 1.23 17.05 2.59
C GLU C 95 0.51 15.92 1.85
N LYS C 96 1.24 15.23 1.00
CA LYS C 96 0.70 14.15 0.16
C LYS C 96 1.71 13.02 0.10
N MET C 97 1.26 11.78 0.29
CA MET C 97 2.15 10.64 0.19
C MET C 97 1.94 9.96 -1.16
N LEU C 98 2.95 9.23 -1.62
CA LEU C 98 2.90 8.54 -2.91
C LEU C 98 3.09 7.04 -2.66
N PRO C 99 1.99 6.30 -2.44
CA PRO C 99 2.08 4.87 -2.18
C PRO C 99 2.80 4.03 -3.24
N GLY C 100 2.77 4.50 -4.47
CA GLY C 100 3.42 3.77 -5.56
C GLY C 100 4.92 3.58 -5.35
N PHE C 101 5.57 4.54 -4.70
CA PHE C 101 7.01 4.42 -4.46
C PHE C 101 7.29 3.24 -3.53
N GLY C 102 6.63 3.21 -2.37
CA GLY C 102 6.86 2.11 -1.45
C GLY C 102 6.55 0.75 -2.06
N GLU C 103 5.46 0.67 -2.81
CA GLU C 103 5.08 -0.58 -3.45
C GLU C 103 6.16 -1.09 -4.40
N LEU C 104 6.61 -0.23 -5.30
CA LEU C 104 7.63 -0.63 -6.26
C LEU C 104 8.97 -0.95 -5.59
N MET C 105 9.41 -0.14 -4.64
CA MET C 105 10.68 -0.41 -3.99
C MET C 105 10.64 -1.77 -3.29
N ARG C 106 9.52 -2.14 -2.70
CA ARG C 106 9.42 -3.45 -2.06
C ARG C 106 9.40 -4.55 -3.11
N GLN C 107 8.70 -4.32 -4.22
CA GLN C 107 8.63 -5.29 -5.31
C GLN C 107 10.02 -5.62 -5.83
N VAL C 108 10.80 -4.57 -6.07
CA VAL C 108 12.16 -4.73 -6.58
C VAL C 108 13.06 -5.47 -5.58
N SER C 109 12.96 -5.11 -4.30
CA SER C 109 13.77 -5.75 -3.28
C SER C 109 13.40 -7.21 -3.09
N LEU C 110 12.13 -7.53 -3.28
CA LEU C 110 11.64 -8.89 -3.11
C LEU C 110 12.35 -9.87 -4.06
N LYS C 111 12.86 -9.34 -5.16
CA LYS C 111 13.57 -10.15 -6.14
C LYS C 111 14.89 -10.65 -5.56
N GLN C 112 15.35 -9.98 -4.50
CA GLN C 112 16.61 -10.33 -3.85
C GLN C 112 16.43 -11.14 -2.57
N VAL C 113 15.58 -10.66 -1.66
CA VAL C 113 15.32 -11.34 -0.39
C VAL C 113 13.86 -11.20 0.04
N PRO C 114 13.31 -12.23 0.71
CA PRO C 114 11.91 -12.21 1.17
C PRO C 114 11.65 -11.22 2.30
N THR C 115 12.73 -10.76 2.93
CA THR C 115 12.60 -9.81 4.02
C THR C 115 12.26 -8.40 3.53
N ALA C 116 12.15 -8.27 2.20
CA ALA C 116 11.80 -6.99 1.60
C ALA C 116 10.46 -6.51 2.13
N ILE C 117 9.59 -7.42 2.56
CA ILE C 117 8.29 -7.01 3.05
C ILE C 117 8.36 -6.35 4.41
N LEU C 118 9.55 -6.30 5.01
CA LEU C 118 9.70 -5.66 6.32
C LEU C 118 10.05 -4.19 6.18
N SER C 119 10.33 -3.76 4.94
CA SER C 119 10.66 -2.36 4.69
C SER C 119 9.43 -1.47 4.72
N ARG C 120 9.55 -0.32 5.40
CA ARG C 120 8.47 0.64 5.51
C ARG C 120 8.82 1.91 4.73
N GLN C 121 9.81 1.82 3.86
CA GLN C 121 10.21 2.97 3.04
C GLN C 121 9.01 3.54 2.31
N THR C 122 8.93 4.87 2.26
CA THR C 122 7.82 5.52 1.57
C THR C 122 8.34 6.76 0.85
N ALA C 123 7.43 7.56 0.32
CA ALA C 123 7.78 8.79 -0.40
C ALA C 123 6.61 9.75 -0.30
N GLY C 124 6.92 11.05 -0.28
CA GLY C 124 5.87 12.04 -0.18
C GLY C 124 6.31 13.39 -0.70
N ILE C 125 5.39 14.33 -0.68
CA ILE C 125 5.61 15.67 -1.18
C ILE C 125 5.47 16.76 -0.12
N ARG C 126 6.43 17.69 -0.11
CA ARG C 126 6.37 18.84 0.80
C ARG C 126 6.66 20.03 -0.11
N GLY C 127 5.62 20.79 -0.43
CA GLY C 127 5.80 21.93 -1.32
C GLY C 127 6.27 21.46 -2.67
N SER C 128 7.37 22.05 -3.16
CA SER C 128 7.92 21.68 -4.46
C SER C 128 9.06 20.67 -4.28
N CYS C 129 9.03 19.95 -3.17
CA CYS C 129 10.06 18.97 -2.89
C CYS C 129 9.54 17.55 -2.72
N LEU C 130 10.18 16.61 -3.42
CA LEU C 130 9.83 15.19 -3.34
C LEU C 130 10.83 14.53 -2.40
N ILE C 131 10.32 13.77 -1.43
CA ILE C 131 11.16 13.08 -0.45
C ILE C 131 10.95 11.59 -0.63
N VAL C 132 12.06 10.86 -0.79
CA VAL C 132 11.99 9.41 -0.98
C VAL C 132 12.92 8.67 -0.02
N ASN C 133 12.38 7.66 0.66
CA ASN C 133 13.16 6.85 1.60
C ASN C 133 13.83 5.72 0.83
N LEU C 134 15.16 5.64 0.91
CA LEU C 134 15.90 4.59 0.22
C LEU C 134 16.42 3.56 1.23
N PRO C 135 16.92 2.42 0.74
CA PRO C 135 17.43 1.38 1.63
C PRO C 135 18.84 1.74 2.16
N GLY C 136 19.48 0.81 2.85
CA GLY C 136 20.80 1.06 3.40
C GLY C 136 22.00 0.58 2.62
N LYS C 137 21.95 -0.63 2.09
CA LYS C 137 23.07 -1.18 1.34
C LYS C 137 23.28 -0.48 0.00
N PRO C 138 24.55 -0.15 -0.33
CA PRO C 138 24.86 0.51 -1.59
C PRO C 138 24.26 -0.21 -2.80
N GLN C 139 24.38 -1.54 -2.83
CA GLN C 139 23.84 -2.30 -3.96
C GLN C 139 22.33 -2.18 -4.05
N SER C 140 21.65 -2.28 -2.91
CA SER C 140 20.19 -2.19 -2.90
C SER C 140 19.76 -0.76 -3.23
N ILE C 141 20.59 0.22 -2.87
CA ILE C 141 20.29 1.62 -3.17
C ILE C 141 20.31 1.82 -4.69
N LYS C 142 21.27 1.20 -5.36
CA LYS C 142 21.38 1.31 -6.82
C LYS C 142 20.17 0.71 -7.51
N VAL C 143 19.82 -0.52 -7.13
CA VAL C 143 18.68 -1.22 -7.70
C VAL C 143 17.40 -0.44 -7.45
N CYS C 144 17.33 0.20 -6.29
CA CYS C 144 16.16 0.97 -5.91
C CYS C 144 15.98 2.21 -6.77
N LEU C 145 17.08 2.96 -6.94
CA LEU C 145 17.03 4.17 -7.74
C LEU C 145 16.81 3.86 -9.22
N ASP C 146 17.38 2.77 -9.71
CA ASP C 146 17.17 2.40 -11.12
C ASP C 146 15.69 2.18 -11.38
N ALA C 147 14.98 1.78 -10.33
CA ALA C 147 13.56 1.51 -10.43
C ALA C 147 12.67 2.75 -10.29
N VAL C 148 13.00 3.62 -9.34
CA VAL C 148 12.18 4.81 -9.12
C VAL C 148 12.62 6.10 -9.81
N MET C 149 13.91 6.23 -10.10
CA MET C 149 14.42 7.43 -10.74
C MET C 149 13.70 7.80 -12.04
N PRO C 150 13.31 6.79 -12.84
CA PRO C 150 12.61 7.10 -14.10
C PRO C 150 11.39 7.99 -13.94
N ALA C 151 10.77 7.95 -12.76
CA ALA C 151 9.57 8.75 -12.51
C ALA C 151 9.83 10.01 -11.68
N ILE C 152 11.01 10.13 -11.09
CA ILE C 152 11.32 11.28 -10.25
C ILE C 152 11.36 12.66 -10.91
N PRO C 153 12.08 12.82 -12.02
CA PRO C 153 12.12 14.15 -12.65
C PRO C 153 10.74 14.70 -12.99
N TYR C 154 9.89 13.85 -13.56
CA TYR C 154 8.54 14.27 -13.93
C TYR C 154 7.72 14.63 -12.69
N CYS C 155 7.89 13.86 -11.62
CA CYS C 155 7.15 14.15 -10.39
C CYS C 155 7.50 15.55 -9.91
N ILE C 156 8.79 15.86 -9.93
CA ILE C 156 9.26 17.17 -9.49
C ILE C 156 8.70 18.26 -10.41
N ASP C 157 8.55 17.95 -11.70
CA ASP C 157 7.97 18.91 -12.65
C ASP C 157 6.56 19.24 -12.17
N LEU C 158 5.80 18.20 -11.85
CA LEU C 158 4.42 18.36 -11.42
C LEU C 158 4.19 19.10 -10.10
N ILE C 159 5.23 19.21 -9.26
CA ILE C 159 5.07 19.94 -8.00
C ILE C 159 5.76 21.30 -8.03
N GLY C 160 6.29 21.67 -9.18
CA GLY C 160 6.95 22.96 -9.33
C GLY C 160 8.40 23.03 -8.92
N GLY C 161 9.06 21.87 -8.86
CA GLY C 161 10.46 21.85 -8.48
C GLY C 161 11.39 22.11 -9.66
N ALA C 162 12.69 22.09 -9.38
CA ALA C 162 13.71 22.35 -10.40
C ALA C 162 13.74 21.29 -11.50
N TYR C 163 14.23 21.68 -12.67
CA TYR C 163 14.31 20.77 -13.82
C TYR C 163 15.50 19.81 -13.72
N ILE C 164 15.22 18.52 -13.79
CA ILE C 164 16.26 17.50 -13.74
C ILE C 164 16.05 16.50 -14.86
N ASP C 165 17.13 16.09 -15.51
CA ASP C 165 17.04 15.09 -16.56
C ASP C 165 18.22 14.13 -16.40
N THR C 166 18.00 12.87 -16.77
CA THR C 166 19.03 11.85 -16.64
C THR C 166 19.50 11.33 -18.00
N ASP C 167 20.64 10.63 -17.98
CA ASP C 167 21.22 10.06 -19.20
C ASP C 167 20.43 8.82 -19.59
N PRO C 168 19.66 8.90 -20.70
CA PRO C 168 18.87 7.75 -21.16
C PRO C 168 19.67 6.47 -21.30
N ASN C 169 20.98 6.60 -21.43
CA ASN C 169 21.86 5.44 -21.58
C ASN C 169 22.10 4.78 -20.22
N LYS C 170 21.74 5.46 -19.15
CA LYS C 170 21.92 4.95 -17.80
C LYS C 170 20.56 4.78 -17.10
N VAL C 171 19.79 5.86 -17.07
CA VAL C 171 18.46 5.85 -16.47
C VAL C 171 17.58 6.78 -17.30
N LYS C 172 16.46 6.26 -17.80
CA LYS C 172 15.58 7.07 -18.62
C LYS C 172 14.49 7.77 -17.82
N ALA C 173 14.55 9.09 -17.77
CA ALA C 173 13.57 9.88 -17.06
C ALA C 173 12.33 10.02 -17.94
N PHE C 174 11.35 9.16 -17.69
CA PHE C 174 10.11 9.16 -18.46
C PHE C 174 9.29 10.43 -18.26
N ARG C 175 8.89 11.04 -19.37
CA ARG C 175 8.08 12.26 -19.34
C ARG C 175 6.99 12.01 -20.40
N PRO C 176 5.72 12.22 -20.04
CA PRO C 176 4.60 12.02 -20.97
C PRO C 176 4.79 13.20 -21.92
N LYS C 177 5.41 12.94 -23.07
CA LYS C 177 5.68 13.97 -24.06
C LYS C 177 4.79 13.73 -25.26
C1 EDO D . -9.55 -17.10 1.28
O1 EDO D . -9.58 -16.80 -0.01
C2 EDO D . -10.71 -16.42 1.98
O2 EDO D . -10.67 -15.02 2.19
C1 EDO E . 3.53 -6.95 23.09
O1 EDO E . 4.85 -6.85 23.25
C2 EDO E . 2.88 -5.60 23.35
O2 EDO E . 2.78 -5.10 24.67
C1 PEG F . -0.09 2.96 13.90
O1 PEG F . -0.23 4.19 14.53
C2 PEG F . -1.39 2.33 13.52
O2 PEG F . -1.71 3.01 12.42
C3 PEG F . -2.58 2.54 11.52
C4 PEG F . -2.72 3.56 10.40
O4 PEG F . -2.31 3.21 9.09
C1 PEG G . -1.45 -2.86 3.42
O1 PEG G . -2.21 -3.96 3.76
C2 PEG G . -0.44 -3.12 2.36
O2 PEG G . -0.66 -2.16 1.46
C3 PEG G . 0.28 -1.27 1.10
C4 PEG G . -0.28 -0.33 0.05
O4 PEG G . 0.60 0.38 -0.81
C1 EDO H . 30.34 9.72 2.42
O1 EDO H . 31.49 9.37 1.85
C2 EDO H . 29.66 10.77 1.57
O2 EDO H . 30.27 12.05 1.40
C1 EDO I . 1.92 18.59 6.38
O1 EDO I . 2.08 18.70 7.70
C2 EDO I . 2.60 19.76 5.69
O2 EDO I . 3.55 19.53 4.66
C1 EDO J . 14.72 -5.25 7.18
O1 EDO J . 15.30 -4.25 7.84
C2 EDO J . 14.56 -4.85 5.72
O2 EDO J . 15.43 -5.36 4.73
C1 EDO K . 15.54 -0.66 17.15
O1 EDO K . 14.82 -0.22 18.10
C2 EDO K . 16.60 -1.58 17.50
O2 EDO K . 17.22 -1.22 16.42
#